data_6FWZ
#
_entry.id   6FWZ
#
_cell.length_a   102.459
_cell.length_b   102.459
_cell.length_c   238.209
_cell.angle_alpha   90.00
_cell.angle_beta   90.00
_cell.angle_gamma   120.00
#
_symmetry.space_group_name_H-M   'P 65 2 2'
#
loop_
_entity.id
_entity.type
_entity.pdbx_description
1 polymer 'UDP-N-acetylglucosamine--dolichyl-phosphate N-acetylglucosaminephosphotransferase'
2 non-polymer 'MAGNESIUM ION'
3 non-polymer URIDINE-DIPHOSPHATE-N-ACETYLGLUCOSAMINE
4 non-polymer 'UNKNOWN LIGAND'
5 non-polymer '(2S)-3-{[{[(2S)-2,3-DIHYDROXYPROPYL]OXY}(HYDROXY)PHOSPHORYL]OXY}-2-[(6E)-HEXADEC-6-ENOYLOXY]PROPYL (8E)-OCTADEC-8-ENOATE'
6 water water
#
_entity_poly.entity_id   1
_entity_poly.type   'polypeptide(L)'
_entity_poly.pdbx_seq_one_letter_code
;SMWAFSELPMPLLINLIVSLLGFVATVTLIPAFRGHFIAARLCGQDLNKTSRQQIPESQGVISGAVFLIILFCFIPFPFL
NCFVKEQCKAFPHHEFVALIGALLAICCMIFLGFADDVLNLRWRHKLLLPTAASLPLLMVYFTNFGNTTIVVPKPFRPIL
GLHLDLGILYYVYMGLLAVFCTNAINILAGINGLEAGQSLVISASIIVFNLVELEGDCRDDHVFSLYFMIPFFFTTLGLL
YHNWYPSRVFVGDTFCYFAGMTFAGVGILGHFSKTMLLFFMPQVFNFLYSLPQLLHIIPCPRHRIPRLNIKTGKLEMSYS
KFKTKSLSFLGTFILKVAESLQLVTVHQSETEDGEFTECNNMTLINLLLKVLGPIHERNLTLLLLLLQILGSAITFSIRY
QLVRLFYDV
;
_entity_poly.pdbx_strand_id   A
#
# COMPACT_ATOMS: atom_id res chain seq x y z
N LEU A 8 31.46 -5.50 -5.21
CA LEU A 8 30.02 -5.48 -5.62
C LEU A 8 29.01 -5.37 -4.43
N PRO A 9 29.09 -6.29 -3.42
CA PRO A 9 28.21 -6.12 -2.30
C PRO A 9 28.78 -5.23 -1.16
N MET A 10 29.90 -4.51 -1.36
CA MET A 10 30.49 -3.69 -0.26
C MET A 10 29.51 -2.63 0.25
N PRO A 11 28.91 -1.80 -0.65
CA PRO A 11 27.86 -0.89 -0.14
C PRO A 11 26.60 -1.62 0.33
N LEU A 12 26.24 -2.75 -0.28
CA LEU A 12 25.07 -3.55 0.15
C LEU A 12 25.21 -4.09 1.58
N LEU A 13 26.44 -4.41 1.97
CA LEU A 13 26.77 -4.82 3.31
C LEU A 13 26.49 -3.69 4.29
N ILE A 14 26.95 -2.48 3.94
CA ILE A 14 26.73 -1.26 4.73
C ILE A 14 25.23 -0.96 4.79
N ASN A 15 24.52 -1.13 3.66
CA ASN A 15 23.07 -0.93 3.59
C ASN A 15 22.33 -1.91 4.46
N LEU A 16 22.75 -3.17 4.47
CA LEU A 16 22.15 -4.18 5.36
C LEU A 16 22.40 -3.84 6.85
N ILE A 17 23.65 -3.48 7.18
CA ILE A 17 24.03 -3.08 8.54
C ILE A 17 23.15 -1.91 9.04
N VAL A 18 23.08 -0.81 8.28
CA VAL A 18 22.24 0.32 8.71
C VAL A 18 20.73 -0.03 8.73
N SER A 19 20.29 -0.96 7.87
CA SER A 19 18.89 -1.39 7.86
C SER A 19 18.51 -2.22 9.07
N LEU A 20 19.45 -2.97 9.62
CA LEU A 20 19.21 -3.72 10.85
C LEU A 20 19.13 -2.76 12.05
N LEU A 21 20.00 -1.76 12.05
CA LEU A 21 20.00 -0.73 13.08
C LEU A 21 18.73 0.07 12.99
N GLY A 22 18.27 0.28 11.77
CA GLY A 22 16.98 0.90 11.53
C GLY A 22 15.77 0.13 12.02
N PHE A 23 15.84 -1.21 11.99
CA PHE A 23 14.78 -2.07 12.54
C PHE A 23 14.69 -1.82 14.03
N VAL A 24 15.82 -2.01 14.71
CA VAL A 24 15.98 -1.78 16.16
C VAL A 24 15.56 -0.35 16.56
N ALA A 25 15.96 0.65 15.75
CA ALA A 25 15.50 2.02 15.97
C ALA A 25 13.97 2.13 15.94
N THR A 26 13.33 1.58 14.90
CA THR A 26 11.86 1.63 14.71
C THR A 26 11.10 0.95 15.85
N VAL A 27 11.58 -0.22 16.27
CA VAL A 27 10.97 -0.97 17.39
C VAL A 27 11.07 -0.19 18.69
N THR A 28 12.21 0.49 18.90
CA THR A 28 12.46 1.26 20.12
C THR A 28 11.70 2.58 20.14
N LEU A 29 11.72 3.31 19.03
CA LEU A 29 11.11 4.64 18.98
C LEU A 29 9.60 4.63 18.93
N ILE A 30 8.98 3.68 18.21
CA ILE A 30 7.51 3.63 18.12
C ILE A 30 6.82 3.79 19.50
N PRO A 31 7.15 2.93 20.50
CA PRO A 31 6.55 3.12 21.83
C PRO A 31 7.05 4.34 22.60
N ALA A 32 8.14 4.96 22.17
CA ALA A 32 8.64 6.16 22.87
C ALA A 32 7.84 7.43 22.55
N PHE A 33 7.31 7.53 21.33
CA PHE A 33 6.51 8.68 20.91
C PHE A 33 5.01 8.49 21.08
N ARG A 34 4.60 7.34 21.65
CA ARG A 34 3.20 7.01 21.95
C ARG A 34 2.43 8.15 22.57
N GLY A 35 3.00 8.73 23.63
CA GLY A 35 2.37 9.85 24.36
C GLY A 35 2.03 11.01 23.44
N HIS A 36 3.00 11.37 22.62
CA HIS A 36 2.95 12.53 21.74
C HIS A 36 1.82 12.43 20.74
N PHE A 37 1.63 11.23 20.17
CA PHE A 37 0.56 10.97 19.18
C PHE A 37 -0.81 11.04 19.83
N ILE A 38 -0.98 10.34 20.95
CA ILE A 38 -2.26 10.37 21.71
C ILE A 38 -2.59 11.85 22.06
N ALA A 39 -1.60 12.58 22.60
CA ALA A 39 -1.76 14.01 22.94
C ALA A 39 -2.14 14.85 21.72
N ALA A 40 -1.54 14.52 20.58
CA ALA A 40 -1.86 15.21 19.33
C ALA A 40 -3.18 14.77 18.70
N ARG A 41 -3.96 13.93 19.39
CA ARG A 41 -5.16 13.31 18.84
C ARG A 41 -4.88 12.54 17.53
N LEU A 42 -3.66 12.00 17.39
CA LEU A 42 -3.26 11.15 16.25
C LEU A 42 -3.39 9.70 16.71
N CYS A 43 -4.64 9.26 16.76
CA CYS A 43 -5.01 7.94 17.25
C CYS A 43 -6.40 7.55 16.69
N GLY A 44 -6.86 6.37 17.09
CA GLY A 44 -8.17 5.84 16.69
C GLY A 44 -8.49 4.50 17.34
N GLN A 45 -9.78 4.18 17.47
CA GLN A 45 -10.21 2.89 18.05
C GLN A 45 -9.98 1.73 17.08
N ASP A 46 -9.87 0.51 17.61
CA ASP A 46 -9.72 -0.70 16.78
C ASP A 46 -11.14 -1.12 16.43
N LEU A 47 -11.64 -0.54 15.33
CA LEU A 47 -13.03 -0.68 14.91
C LEU A 47 -13.54 -2.13 14.78
N ASN A 48 -12.64 -3.13 14.75
CA ASN A 48 -13.04 -4.55 14.66
C ASN A 48 -12.86 -5.32 15.99
N LYS A 49 -12.75 -4.55 17.10
CA LYS A 49 -12.64 -5.07 18.46
C LYS A 49 -13.56 -4.31 19.39
N THR A 50 -13.99 -5.00 20.45
CA THR A 50 -14.91 -4.43 21.45
C THR A 50 -14.30 -3.29 22.26
N SER A 51 -12.97 -3.33 22.51
CA SER A 51 -12.24 -2.27 23.25
C SER A 51 -12.41 -0.89 22.59
N ARG A 52 -12.90 0.09 23.35
CA ARG A 52 -13.12 1.45 22.87
C ARG A 52 -11.90 2.35 23.11
N GLN A 53 -10.76 1.77 23.53
CA GLN A 53 -9.52 2.54 23.76
C GLN A 53 -8.91 3.03 22.45
N GLN A 54 -8.13 4.12 22.52
CA GLN A 54 -7.54 4.74 21.33
C GLN A 54 -6.06 4.46 21.23
N ILE A 55 -5.72 3.82 20.12
CA ILE A 55 -4.40 3.28 19.76
C ILE A 55 -3.68 4.33 18.85
N PRO A 56 -2.41 4.68 19.13
CA PRO A 56 -1.74 5.71 18.32
C PRO A 56 -1.66 5.42 16.84
N GLU A 57 -2.04 6.42 16.01
CA GLU A 57 -2.10 6.27 14.56
C GLU A 57 -0.82 6.89 13.93
N SER A 58 -0.72 6.81 12.62
CA SER A 58 0.29 7.49 11.81
C SER A 58 1.69 7.08 12.19
N GLN A 59 1.87 5.85 12.68
CA GLN A 59 3.21 5.36 13.09
C GLN A 59 4.14 5.09 11.89
N GLY A 60 3.58 5.14 10.68
CA GLY A 60 4.35 5.12 9.47
C GLY A 60 5.31 6.27 9.35
N VAL A 61 5.02 7.38 10.06
CA VAL A 61 5.88 8.56 10.12
C VAL A 61 7.16 8.27 10.87
N ILE A 62 7.11 7.41 11.89
CA ILE A 62 8.31 7.05 12.67
C ILE A 62 9.14 6.04 11.89
N SER A 63 8.53 5.05 11.27
CA SER A 63 9.29 4.13 10.41
C SER A 63 9.87 4.88 9.17
N GLY A 64 9.03 5.69 8.54
CA GLY A 64 9.44 6.54 7.45
C GLY A 64 10.56 7.51 7.83
N ALA A 65 10.50 8.07 9.02
CA ALA A 65 11.57 8.95 9.46
C ALA A 65 12.87 8.17 9.65
N VAL A 66 12.79 7.04 10.32
CA VAL A 66 13.96 6.15 10.52
C VAL A 66 14.58 5.78 9.15
N PHE A 67 13.73 5.32 8.22
CA PHE A 67 14.08 5.01 6.81
C PHE A 67 14.87 6.13 6.11
N LEU A 68 14.46 7.38 6.29
CA LEU A 68 15.15 8.51 5.68
C LEU A 68 16.54 8.71 6.33
N ILE A 69 16.59 8.74 7.65
CA ILE A 69 17.85 8.97 8.37
C ILE A 69 18.83 7.83 8.04
N ILE A 70 18.35 6.58 8.02
CA ILE A 70 19.17 5.43 7.60
C ILE A 70 19.87 5.74 6.26
N LEU A 71 19.05 6.05 5.25
CA LEU A 71 19.52 6.29 3.89
C LEU A 71 20.38 7.55 3.72
N PHE A 72 20.12 8.60 4.52
CA PHE A 72 20.97 9.80 4.50
C PHE A 72 22.41 9.46 4.90
N CYS A 73 22.56 8.61 5.90
CA CYS A 73 23.86 8.09 6.36
C CYS A 73 24.48 7.14 5.36
N PHE A 74 23.64 6.38 4.67
CA PHE A 74 24.09 5.48 3.62
C PHE A 74 24.61 6.21 2.36
N ILE A 75 23.94 7.30 1.95
CA ILE A 75 24.30 8.12 0.76
C ILE A 75 25.79 8.09 0.30
N PRO A 76 26.76 8.44 1.17
CA PRO A 76 28.16 8.48 0.69
C PRO A 76 28.78 7.13 0.31
N PHE A 77 28.30 6.02 0.90
CA PHE A 77 28.86 4.69 0.64
C PHE A 77 28.86 4.17 -0.80
N PRO A 78 27.71 4.17 -1.54
CA PRO A 78 27.79 3.74 -2.96
C PRO A 78 28.77 4.58 -3.81
N PHE A 79 28.82 5.89 -3.56
CA PHE A 79 29.82 6.78 -4.18
C PHE A 79 31.27 6.44 -3.78
N LEU A 80 31.49 6.24 -2.48
CA LEU A 80 32.80 5.91 -1.90
C LEU A 80 33.13 4.42 -2.00
N PRO A 92 30.02 8.54 -12.22
CA PRO A 92 29.39 8.02 -11.00
C PRO A 92 28.07 8.72 -10.58
N HIS A 93 27.89 9.98 -10.98
CA HIS A 93 26.73 10.80 -10.55
C HIS A 93 25.36 10.33 -11.14
N HIS A 94 25.39 9.58 -12.25
CA HIS A 94 24.17 9.05 -12.92
C HIS A 94 23.24 8.24 -11.99
N GLU A 95 23.83 7.49 -11.04
CA GLU A 95 23.08 6.71 -10.05
C GLU A 95 22.90 7.50 -8.77
N PHE A 96 23.86 8.39 -8.50
CA PHE A 96 23.81 9.27 -7.32
C PHE A 96 22.68 10.31 -7.38
N VAL A 97 22.39 10.82 -8.57
CA VAL A 97 21.27 11.71 -8.87
C VAL A 97 19.95 10.98 -8.57
N ALA A 98 19.85 9.74 -9.06
CA ALA A 98 18.69 8.87 -8.86
C ALA A 98 18.50 8.46 -7.39
N LEU A 99 19.58 8.47 -6.61
CA LEU A 99 19.53 8.17 -5.18
C LEU A 99 18.94 9.34 -4.40
N ILE A 100 19.48 10.53 -4.59
CA ILE A 100 19.02 11.75 -3.93
C ILE A 100 17.62 12.16 -4.48
N GLY A 101 17.35 11.83 -5.75
CA GLY A 101 16.08 12.11 -6.42
C GLY A 101 14.96 11.28 -5.87
N ALA A 102 15.19 9.99 -5.71
CA ALA A 102 14.20 9.07 -5.14
C ALA A 102 13.93 9.34 -3.68
N LEU A 103 14.95 9.73 -2.94
CA LEU A 103 14.76 10.09 -1.54
C LEU A 103 13.95 11.40 -1.40
N LEU A 104 14.13 12.32 -2.35
CA LEU A 104 13.36 13.55 -2.34
C LEU A 104 11.87 13.22 -2.49
N ALA A 105 11.54 12.41 -3.50
CA ALA A 105 10.19 11.96 -3.76
C ALA A 105 9.59 11.19 -2.58
N ILE A 106 10.34 10.26 -2.01
CA ILE A 106 9.86 9.47 -0.84
C ILE A 106 9.66 10.41 0.37
N CYS A 107 10.65 11.23 0.69
CA CYS A 107 10.58 12.18 1.81
C CYS A 107 9.44 13.16 1.66
N CYS A 108 9.26 13.75 0.48
CA CYS A 108 8.14 14.68 0.24
C CYS A 108 6.79 13.98 0.40
N MET A 109 6.75 12.69 0.03
CA MET A 109 5.56 11.88 0.16
C MET A 109 5.24 11.53 1.61
N ILE A 110 6.27 11.21 2.41
CA ILE A 110 6.06 10.93 3.86
C ILE A 110 5.50 12.19 4.50
N PHE A 111 6.04 13.35 4.07
CA PHE A 111 5.64 14.66 4.55
C PHE A 111 4.22 14.98 4.18
N LEU A 112 3.87 14.99 2.89
CA LEU A 112 2.50 15.34 2.50
C LEU A 112 1.53 14.28 2.98
N GLY A 113 1.97 13.04 3.06
CA GLY A 113 1.14 11.97 3.64
C GLY A 113 0.77 12.19 5.09
N PHE A 114 1.76 12.60 5.90
CA PHE A 114 1.58 12.98 7.31
C PHE A 114 0.70 14.24 7.45
N ALA A 115 0.91 15.26 6.62
CA ALA A 115 0.06 16.44 6.58
C ALA A 115 -1.40 16.06 6.34
N ASP A 116 -1.61 15.12 5.43
CA ASP A 116 -2.95 14.55 5.19
C ASP A 116 -3.51 13.80 6.41
N ASP A 117 -2.66 13.10 7.16
CA ASP A 117 -3.10 12.39 8.38
C ASP A 117 -3.50 13.38 9.47
N VAL A 118 -2.74 14.46 9.59
CA VAL A 118 -2.95 15.51 10.58
C VAL A 118 -4.15 16.40 10.23
N LEU A 119 -4.28 16.78 8.95
CA LEU A 119 -5.28 17.73 8.50
C LEU A 119 -6.54 17.14 7.87
N ASN A 120 -6.52 15.85 7.47
CA ASN A 120 -7.66 15.20 6.79
C ASN A 120 -8.17 16.03 5.61
N LEU A 121 -7.35 16.06 4.56
CA LEU A 121 -7.62 16.88 3.37
C LEU A 121 -8.72 16.21 2.57
N ARG A 122 -9.39 16.99 1.69
CA ARG A 122 -10.46 16.47 0.84
C ARG A 122 -9.92 15.33 -0.09
N TRP A 123 -10.80 14.35 -0.44
CA TRP A 123 -10.46 13.17 -1.33
C TRP A 123 -9.61 13.49 -2.58
N ARG A 124 -9.71 14.73 -3.11
CA ARG A 124 -8.93 15.25 -4.24
C ARG A 124 -7.42 15.14 -3.96
N HIS A 125 -7.01 15.45 -2.72
CA HIS A 125 -5.59 15.39 -2.35
C HIS A 125 -5.00 13.97 -2.27
N LYS A 126 -5.84 12.95 -2.05
CA LYS A 126 -5.37 11.53 -2.11
C LYS A 126 -4.77 11.17 -3.48
N LEU A 127 -5.02 12.08 -4.44
CA LEU A 127 -4.58 12.01 -5.84
C LEU A 127 -3.54 13.12 -6.15
N LEU A 128 -3.73 14.32 -5.59
CA LEU A 128 -2.82 15.46 -5.83
C LEU A 128 -1.49 15.33 -5.07
N LEU A 129 -1.54 14.83 -3.82
CA LEU A 129 -0.29 14.70 -3.03
C LEU A 129 0.69 13.71 -3.68
N PRO A 130 0.24 12.47 -4.00
CA PRO A 130 1.18 11.57 -4.68
C PRO A 130 1.73 12.11 -5.99
N THR A 131 0.92 12.81 -6.79
CA THR A 131 1.35 13.45 -8.03
C THR A 131 2.41 14.52 -7.76
N ALA A 132 2.16 15.33 -6.72
CA ALA A 132 3.09 16.40 -6.29
C ALA A 132 4.47 15.89 -5.95
N ALA A 133 4.49 14.91 -5.05
CA ALA A 133 5.70 14.30 -4.54
C ALA A 133 6.44 13.47 -5.58
N SER A 134 5.75 12.96 -6.60
CA SER A 134 6.39 12.11 -7.63
C SER A 134 7.23 12.90 -8.64
N LEU A 135 7.14 14.23 -8.58
CA LEU A 135 7.84 15.11 -9.49
C LEU A 135 9.36 14.94 -9.55
N PRO A 136 10.09 14.79 -8.41
CA PRO A 136 11.54 14.58 -8.51
C PRO A 136 11.94 13.33 -9.31
N LEU A 137 11.17 12.25 -9.19
CA LEU A 137 11.40 11.00 -9.96
C LEU A 137 11.35 11.22 -11.48
N LEU A 138 10.28 11.90 -11.90
CA LEU A 138 10.04 12.30 -13.28
C LEU A 138 11.20 13.14 -13.85
N MET A 139 11.64 14.15 -13.09
CA MET A 139 12.73 15.06 -13.47
C MET A 139 14.08 14.37 -13.52
N VAL A 140 14.33 13.44 -12.61
CA VAL A 140 15.55 12.63 -12.63
C VAL A 140 15.55 11.74 -13.88
N TYR A 141 14.39 11.12 -14.17
CA TYR A 141 14.20 10.32 -15.38
C TYR A 141 14.36 11.17 -16.65
N PHE A 142 13.90 12.42 -16.58
CA PHE A 142 14.03 13.41 -17.67
C PHE A 142 15.50 13.75 -17.89
N THR A 143 16.16 14.28 -16.85
CA THR A 143 17.59 14.67 -16.93
C THR A 143 18.57 13.52 -17.24
N ASN A 144 18.39 12.35 -16.59
CA ASN A 144 19.24 11.19 -16.86
C ASN A 144 18.85 10.45 -18.14
N PHE A 145 18.02 11.06 -19.00
CA PHE A 145 17.63 10.58 -20.34
C PHE A 145 16.97 9.23 -20.26
N GLY A 146 15.72 9.19 -19.83
CA GLY A 146 15.02 7.95 -19.58
C GLY A 146 14.24 7.48 -20.80
N ASN A 147 14.09 6.15 -20.89
CA ASN A 147 13.43 5.50 -22.01
C ASN A 147 11.91 5.71 -21.94
N THR A 148 11.43 6.61 -22.80
CA THR A 148 10.02 6.96 -22.93
C THR A 148 9.25 5.92 -23.76
N THR A 149 9.99 5.11 -24.52
CA THR A 149 9.43 4.03 -25.34
C THR A 149 9.12 2.81 -24.47
N ILE A 150 7.98 2.15 -24.73
CA ILE A 150 7.48 0.97 -23.99
C ILE A 150 7.33 -0.26 -24.92
N VAL A 151 7.46 -1.47 -24.34
CA VAL A 151 7.26 -2.75 -25.06
C VAL A 151 5.87 -3.28 -24.70
N VAL A 152 5.07 -3.64 -25.71
CA VAL A 152 3.61 -3.98 -25.55
C VAL A 152 3.34 -5.33 -24.85
N HIS A 163 6.21 -2.19 -29.34
CA HIS A 163 7.20 -1.14 -29.52
C HIS A 163 6.53 0.22 -29.80
N LEU A 164 6.19 0.99 -28.74
CA LEU A 164 5.53 2.31 -28.86
C LEU A 164 6.21 3.39 -28.00
N ASP A 165 6.51 4.56 -28.59
CA ASP A 165 7.10 5.71 -27.88
C ASP A 165 5.97 6.59 -27.30
N LEU A 166 5.72 6.42 -25.99
CA LEU A 166 4.64 7.15 -25.30
C LEU A 166 4.96 8.63 -25.01
N GLY A 167 6.25 8.98 -24.97
CA GLY A 167 6.71 10.36 -24.77
C GLY A 167 6.19 11.02 -23.50
N ILE A 168 5.31 12.00 -23.67
CA ILE A 168 4.71 12.75 -22.57
C ILE A 168 3.76 11.85 -21.76
N LEU A 169 3.03 10.96 -22.47
CA LEU A 169 2.10 10.01 -21.84
C LEU A 169 2.83 9.02 -20.93
N TYR A 170 4.11 8.74 -21.21
CA TYR A 170 4.93 7.91 -20.33
C TYR A 170 5.15 8.61 -18.98
N TYR A 171 5.33 9.93 -18.99
CA TYR A 171 5.48 10.71 -17.76
C TYR A 171 4.16 10.79 -17.00
N VAL A 172 3.06 10.78 -17.73
CA VAL A 172 1.72 10.74 -17.13
C VAL A 172 1.58 9.40 -16.39
N TYR A 173 2.04 8.31 -17.04
CA TYR A 173 2.07 6.97 -16.43
C TYR A 173 2.90 6.92 -15.11
N MET A 174 4.10 7.49 -15.13
CA MET A 174 4.98 7.58 -13.96
C MET A 174 4.36 8.35 -12.80
N GLY A 175 3.68 9.44 -13.13
CA GLY A 175 2.94 10.22 -12.14
C GLY A 175 1.82 9.41 -11.52
N LEU A 176 1.00 8.79 -12.38
CA LEU A 176 -0.13 7.95 -11.96
C LEU A 176 0.26 6.68 -11.23
N LEU A 177 1.45 6.18 -11.49
CA LEU A 177 1.95 4.97 -10.80
C LEU A 177 2.04 5.18 -9.28
N ALA A 178 2.59 6.33 -8.88
CA ALA A 178 2.68 6.73 -7.48
C ALA A 178 1.30 6.87 -6.85
N VAL A 179 0.38 7.49 -7.61
CA VAL A 179 -1.00 7.71 -7.19
C VAL A 179 -1.66 6.35 -6.96
N PHE A 180 -1.45 5.43 -7.91
CA PHE A 180 -2.01 4.08 -7.84
C PHE A 180 -1.53 3.28 -6.61
N CYS A 181 -0.23 2.99 -6.54
CA CYS A 181 0.38 2.18 -5.45
C CYS A 181 0.05 2.68 -4.06
N THR A 182 0.02 4.00 -3.83
CA THR A 182 -0.33 4.54 -2.50
C THR A 182 -1.77 4.21 -2.11
N ASN A 183 -2.73 4.57 -2.98
CA ASN A 183 -4.15 4.33 -2.72
C ASN A 183 -4.56 2.85 -2.77
N ALA A 184 -3.89 2.07 -3.62
CA ALA A 184 -4.17 0.65 -3.79
C ALA A 184 -3.88 -0.12 -2.49
N ILE A 185 -2.85 0.32 -1.75
CA ILE A 185 -2.48 -0.23 -0.44
C ILE A 185 -3.47 0.30 0.59
N ASN A 186 -3.70 1.62 0.54
CA ASN A 186 -4.65 2.28 1.42
C ASN A 186 -6.12 1.77 1.39
N ILE A 187 -6.62 1.32 0.23
CA ILE A 187 -7.97 0.77 0.15
C ILE A 187 -8.02 -0.73 0.45
N LEU A 188 -6.84 -1.40 0.49
CA LEU A 188 -6.75 -2.81 0.94
C LEU A 188 -6.21 -2.79 2.36
N ALA A 189 -7.07 -2.39 3.27
CA ALA A 189 -6.66 -2.08 4.65
C ALA A 189 -7.82 -2.23 5.61
N GLY A 190 -7.49 -2.04 6.90
CA GLY A 190 -8.44 -1.92 7.99
C GLY A 190 -8.50 -3.12 8.95
N ILE A 191 -7.54 -4.05 8.82
CA ILE A 191 -7.41 -5.19 9.74
C ILE A 191 -5.93 -5.28 10.15
N ASN A 192 -5.73 -5.68 11.41
CA ASN A 192 -4.44 -5.65 12.10
C ASN A 192 -3.31 -6.32 11.31
N GLY A 193 -2.36 -5.49 10.86
CA GLY A 193 -1.15 -5.94 10.15
C GLY A 193 -1.25 -6.12 8.63
N LEU A 194 -2.36 -5.70 8.03
CA LEU A 194 -2.58 -5.90 6.60
C LEU A 194 -1.75 -4.96 5.71
N GLU A 195 -1.85 -3.64 5.98
CA GLU A 195 -1.17 -2.56 5.22
C GLU A 195 0.33 -2.70 5.26
N ALA A 196 0.86 -2.82 6.48
CA ALA A 196 2.27 -3.02 6.69
C ALA A 196 2.72 -4.40 6.21
N GLY A 197 1.86 -5.41 6.39
CA GLY A 197 2.13 -6.78 5.98
C GLY A 197 2.24 -7.00 4.48
N GLN A 198 1.30 -6.47 3.71
CA GLN A 198 1.32 -6.60 2.24
C GLN A 198 2.57 -5.93 1.63
N SER A 199 2.96 -4.76 2.17
CA SER A 199 4.17 -4.01 1.76
C SER A 199 5.45 -4.76 2.07
N LEU A 200 5.41 -5.46 3.20
CA LEU A 200 6.50 -6.32 3.67
C LEU A 200 6.73 -7.51 2.72
N VAL A 201 5.64 -8.08 2.18
CA VAL A 201 5.71 -9.17 1.19
C VAL A 201 6.16 -8.62 -0.15
N ILE A 202 5.60 -7.45 -0.54
CA ILE A 202 5.95 -6.82 -1.82
C ILE A 202 7.45 -6.50 -1.83
N SER A 203 7.94 -5.75 -0.81
CA SER A 203 9.39 -5.40 -0.73
C SER A 203 10.31 -6.67 -0.71
N ALA A 204 9.90 -7.68 0.04
CA ALA A 204 10.62 -8.95 0.04
C ALA A 204 10.69 -9.57 -1.35
N SER A 205 9.57 -9.54 -2.08
CA SER A 205 9.49 -10.04 -3.47
C SER A 205 10.34 -9.22 -4.42
N ILE A 206 10.38 -7.89 -4.20
CA ILE A 206 11.27 -7.03 -5.02
C ILE A 206 12.74 -7.35 -4.71
N ILE A 207 13.08 -7.53 -3.42
CA ILE A 207 14.44 -7.90 -2.95
C ILE A 207 14.86 -9.22 -3.61
N VAL A 208 14.01 -10.24 -3.51
CA VAL A 208 14.28 -11.56 -4.14
C VAL A 208 14.51 -11.40 -5.66
N PHE A 209 13.61 -10.67 -6.35
CA PHE A 209 13.72 -10.39 -7.80
C PHE A 209 15.01 -9.63 -8.16
N ASN A 210 15.39 -8.65 -7.34
CA ASN A 210 16.63 -7.88 -7.51
C ASN A 210 17.86 -8.78 -7.41
N LEU A 211 17.90 -9.61 -6.35
CA LEU A 211 19.01 -10.56 -6.13
C LEU A 211 19.20 -11.57 -7.27
N VAL A 212 18.10 -11.95 -7.92
CA VAL A 212 18.12 -12.85 -9.07
C VAL A 212 18.77 -12.14 -10.25
N GLU A 213 18.34 -10.90 -10.49
CA GLU A 213 18.86 -10.07 -11.60
C GLU A 213 20.21 -9.38 -11.30
N LEU A 214 20.71 -9.55 -10.09
CA LEU A 214 22.01 -9.05 -9.67
C LEU A 214 23.14 -9.96 -10.20
N GLU A 215 22.79 -11.23 -10.52
CA GLU A 215 23.72 -12.26 -11.08
C GLU A 215 24.27 -11.87 -12.42
N GLY A 216 23.45 -11.18 -13.24
CA GLY A 216 23.97 -10.49 -14.45
C GLY A 216 23.05 -9.42 -15.03
N ASP A 217 23.25 -9.11 -16.32
CA ASP A 217 22.36 -8.29 -17.16
C ASP A 217 22.20 -6.87 -16.60
N CYS A 218 20.96 -6.39 -16.42
CA CYS A 218 20.67 -5.10 -15.76
C CYS A 218 20.94 -5.28 -14.27
N ARG A 219 21.98 -4.63 -13.76
CA ARG A 219 22.48 -4.88 -12.39
C ARG A 219 22.48 -3.60 -11.57
N ASP A 220 22.92 -2.50 -12.19
CA ASP A 220 22.95 -1.16 -11.59
C ASP A 220 21.54 -0.64 -11.25
N ASP A 221 20.51 -1.22 -11.87
CA ASP A 221 19.10 -0.94 -11.58
C ASP A 221 18.62 -1.71 -10.35
N HIS A 222 19.10 -2.94 -10.21
CA HIS A 222 18.72 -3.83 -9.12
C HIS A 222 19.55 -3.60 -7.84
N VAL A 223 20.83 -3.21 -7.96
CA VAL A 223 21.61 -2.81 -6.76
C VAL A 223 21.04 -1.51 -6.21
N PHE A 224 20.49 -0.68 -7.12
CA PHE A 224 19.81 0.55 -6.78
C PHE A 224 18.53 0.30 -5.99
N SER A 225 17.66 -0.57 -6.53
CA SER A 225 16.38 -0.92 -5.87
C SER A 225 16.61 -1.50 -4.48
N LEU A 226 17.59 -2.39 -4.37
CA LEU A 226 17.97 -2.97 -3.08
C LEU A 226 18.32 -1.90 -2.02
N TYR A 227 18.97 -0.81 -2.44
CA TYR A 227 19.33 0.31 -1.54
C TYR A 227 18.14 0.94 -0.84
N PHE A 228 16.95 0.89 -1.44
CA PHE A 228 15.70 1.41 -0.85
C PHE A 228 14.85 0.29 -0.28
N MET A 229 14.85 -0.88 -0.94
CA MET A 229 14.01 -2.00 -0.49
C MET A 229 14.51 -2.68 0.78
N ILE A 230 15.84 -2.78 1.00
CA ILE A 230 16.38 -3.32 2.25
C ILE A 230 15.99 -2.43 3.46
N PRO A 231 16.23 -1.11 3.41
CA PRO A 231 15.77 -0.28 4.53
C PRO A 231 14.25 -0.19 4.67
N PHE A 232 13.50 -0.26 3.57
CA PHE A 232 12.05 -0.24 3.65
C PHE A 232 11.55 -1.49 4.37
N PHE A 233 12.17 -2.63 4.07
CA PHE A 233 11.78 -3.91 4.67
C PHE A 233 11.95 -3.91 6.20
N PHE A 234 13.17 -3.65 6.67
CA PHE A 234 13.49 -3.72 8.10
C PHE A 234 12.79 -2.64 8.92
N THR A 235 12.55 -1.45 8.35
CA THR A 235 11.80 -0.44 9.08
C THR A 235 10.33 -0.89 9.23
N THR A 236 9.73 -1.39 8.13
CA THR A 236 8.36 -1.86 8.14
C THR A 236 8.25 -3.08 9.08
N LEU A 237 9.28 -3.91 9.14
CA LEU A 237 9.32 -5.02 10.09
C LEU A 237 9.23 -4.52 11.53
N GLY A 238 9.91 -3.40 11.80
CA GLY A 238 9.86 -2.76 13.11
C GLY A 238 8.49 -2.17 13.41
N LEU A 239 7.81 -1.71 12.38
CA LEU A 239 6.46 -1.17 12.50
C LEU A 239 5.45 -2.29 12.75
N LEU A 240 5.54 -3.37 11.99
CA LEU A 240 4.67 -4.51 12.08
C LEU A 240 4.87 -5.21 13.45
N TYR A 241 6.03 -5.02 14.06
CA TYR A 241 6.26 -5.56 15.40
C TYR A 241 5.20 -5.04 16.38
N HIS A 242 4.86 -3.75 16.30
CA HIS A 242 3.84 -3.11 17.15
C HIS A 242 2.46 -3.05 16.49
N ASN A 243 2.37 -3.33 15.19
CA ASN A 243 1.10 -3.31 14.45
C ASN A 243 0.44 -4.67 14.36
N TRP A 244 1.20 -5.77 14.39
CA TRP A 244 0.63 -7.09 14.18
C TRP A 244 -0.38 -7.41 15.28
N TYR A 245 -1.42 -8.20 14.95
CA TYR A 245 -2.50 -8.55 15.86
C TYR A 245 -1.99 -9.05 17.24
N PRO A 246 -2.37 -8.43 18.36
CA PRO A 246 -3.27 -7.28 18.46
C PRO A 246 -2.50 -5.97 18.28
N SER A 247 -3.00 -5.11 17.40
CA SER A 247 -2.37 -3.83 17.08
C SER A 247 -2.22 -3.00 18.33
N ARG A 248 -0.96 -2.59 18.62
CA ARG A 248 -0.65 -1.67 19.71
C ARG A 248 -0.52 -0.25 19.17
N VAL A 249 -0.27 -0.15 17.86
CA VAL A 249 -0.19 1.08 17.06
C VAL A 249 -0.84 0.85 15.70
N PHE A 250 -1.23 1.94 15.05
CA PHE A 250 -1.77 1.91 13.70
C PHE A 250 -0.79 2.68 12.79
N VAL A 251 -0.70 2.24 11.53
CA VAL A 251 0.30 2.78 10.59
C VAL A 251 -0.06 4.17 9.96
N GLY A 252 -1.36 4.44 9.83
CA GLY A 252 -1.89 5.67 9.22
C GLY A 252 -1.75 5.72 7.71
N ASP A 253 -2.34 6.74 7.07
CA ASP A 253 -2.14 6.94 5.61
C ASP A 253 -0.67 7.28 5.30
N THR A 254 0.05 7.88 6.25
CA THR A 254 1.47 8.15 6.12
C THR A 254 2.24 6.93 5.66
N PHE A 255 1.93 5.75 6.22
CA PHE A 255 2.61 4.53 5.77
C PHE A 255 2.19 4.16 4.33
N CYS A 256 0.88 4.17 4.03
CA CYS A 256 0.38 3.79 2.69
C CYS A 256 0.95 4.70 1.61
N TYR A 257 1.04 5.99 1.90
CA TYR A 257 1.63 6.99 1.02
C TYR A 257 3.11 6.70 0.82
N PHE A 258 3.83 6.49 1.95
CA PHE A 258 5.27 6.18 1.99
C PHE A 258 5.57 4.95 1.13
N ALA A 259 4.91 3.83 1.43
CA ALA A 259 5.06 2.54 0.75
C ALA A 259 4.88 2.69 -0.74
N GLY A 260 3.73 3.22 -1.12
CA GLY A 260 3.40 3.43 -2.53
C GLY A 260 4.49 4.11 -3.33
N MET A 261 4.98 5.23 -2.82
CA MET A 261 6.04 6.01 -3.47
C MET A 261 7.39 5.25 -3.50
N THR A 262 7.79 4.59 -2.42
CA THR A 262 9.03 3.82 -2.39
C THR A 262 8.98 2.72 -3.49
N PHE A 263 7.84 2.01 -3.59
CA PHE A 263 7.63 1.00 -4.61
C PHE A 263 7.58 1.60 -6.00
N ALA A 264 6.82 2.68 -6.18
CA ALA A 264 6.77 3.35 -7.48
C ALA A 264 8.15 3.91 -7.91
N GLY A 265 8.94 4.37 -6.95
CA GLY A 265 10.24 4.94 -7.17
C GLY A 265 11.22 3.91 -7.67
N VAL A 266 11.30 2.75 -6.98
CA VAL A 266 12.22 1.66 -7.37
C VAL A 266 11.80 1.02 -8.69
N GLY A 267 10.48 0.91 -8.90
CA GLY A 267 9.91 0.39 -10.15
C GLY A 267 10.30 1.21 -11.36
N ILE A 268 10.12 2.53 -11.22
CA ILE A 268 10.39 3.52 -12.27
C ILE A 268 11.88 3.61 -12.60
N LEU A 269 12.69 3.88 -11.57
CA LEU A 269 14.12 4.09 -11.74
C LEU A 269 14.88 2.79 -12.04
N GLY A 270 14.34 1.67 -11.53
CA GLY A 270 14.91 0.35 -11.85
C GLY A 270 14.44 -0.21 -13.19
N HIS A 271 13.44 0.43 -13.79
CA HIS A 271 12.83 0.10 -15.08
C HIS A 271 12.03 -1.20 -15.05
N PHE A 272 11.49 -1.57 -13.88
CA PHE A 272 10.80 -2.84 -13.71
C PHE A 272 9.39 -2.68 -13.14
N SER A 273 8.75 -1.55 -13.48
CA SER A 273 7.42 -1.21 -13.01
C SER A 273 6.39 -2.27 -13.41
N LYS A 274 6.54 -2.84 -14.62
CA LYS A 274 5.67 -3.93 -15.14
C LYS A 274 5.71 -5.15 -14.20
N THR A 275 6.92 -5.63 -13.91
CA THR A 275 7.16 -6.78 -13.01
C THR A 275 6.66 -6.47 -11.59
N MET A 276 6.95 -5.24 -11.13
CA MET A 276 6.48 -4.74 -9.82
C MET A 276 4.95 -4.67 -9.70
N LEU A 277 4.26 -4.24 -10.74
CA LEU A 277 2.80 -4.17 -10.76
C LEU A 277 2.16 -5.56 -10.67
N LEU A 278 2.87 -6.58 -11.13
CA LEU A 278 2.39 -7.97 -11.03
C LEU A 278 2.51 -8.49 -9.57
N PHE A 279 3.40 -7.87 -8.79
CA PHE A 279 3.52 -8.15 -7.37
C PHE A 279 2.37 -7.48 -6.61
N PHE A 280 1.67 -6.56 -7.29
CA PHE A 280 0.50 -5.83 -6.80
C PHE A 280 -0.86 -6.48 -7.21
N MET A 281 -0.85 -7.76 -7.52
CA MET A 281 -2.07 -8.48 -7.93
C MET A 281 -3.26 -8.40 -6.94
N PRO A 282 -3.10 -8.75 -5.63
CA PRO A 282 -4.24 -8.54 -4.70
C PRO A 282 -4.73 -7.09 -4.57
N GLN A 283 -3.79 -6.12 -4.69
CA GLN A 283 -4.07 -4.69 -4.68
C GLN A 283 -4.84 -4.23 -5.94
N VAL A 284 -4.51 -4.80 -7.11
CA VAL A 284 -5.18 -4.48 -8.37
C VAL A 284 -6.59 -5.07 -8.40
N PHE A 285 -6.76 -6.31 -7.92
CA PHE A 285 -8.10 -6.91 -7.87
C PHE A 285 -9.01 -6.10 -6.94
N ASN A 286 -8.56 -5.95 -5.69
CA ASN A 286 -9.28 -5.18 -4.68
C ASN A 286 -9.69 -3.78 -5.19
N PHE A 287 -8.86 -3.15 -6.02
CA PHE A 287 -9.16 -1.82 -6.58
C PHE A 287 -10.33 -1.89 -7.59
N LEU A 288 -10.21 -2.74 -8.59
CA LEU A 288 -11.25 -2.86 -9.61
C LEU A 288 -12.55 -3.38 -9.02
N TYR A 289 -12.47 -4.26 -8.01
CA TYR A 289 -13.67 -4.77 -7.35
C TYR A 289 -14.38 -3.68 -6.55
N SER A 290 -13.59 -2.72 -6.05
CA SER A 290 -14.07 -1.55 -5.31
C SER A 290 -14.56 -0.41 -6.19
N LEU A 291 -14.15 -0.40 -7.47
CA LEU A 291 -14.50 0.63 -8.46
C LEU A 291 -15.96 1.13 -8.50
N PRO A 292 -16.98 0.24 -8.42
CA PRO A 292 -18.36 0.77 -8.39
C PRO A 292 -18.68 1.58 -7.12
N GLN A 293 -18.04 1.22 -5.99
CA GLN A 293 -18.24 1.96 -4.73
C GLN A 293 -17.41 3.25 -4.72
N LEU A 294 -16.14 3.18 -5.15
CA LEU A 294 -15.27 4.38 -5.25
C LEU A 294 -15.90 5.47 -6.15
N LEU A 295 -16.40 5.05 -7.32
CA LEU A 295 -17.10 5.94 -8.26
C LEU A 295 -18.52 6.31 -7.80
N HIS A 296 -18.94 5.79 -6.64
CA HIS A 296 -20.25 6.01 -6.04
C HIS A 296 -21.44 5.63 -6.94
N ILE A 297 -21.25 4.63 -7.82
CA ILE A 297 -22.34 4.17 -8.68
C ILE A 297 -23.25 3.30 -7.78
N ILE A 298 -22.59 2.68 -6.78
CA ILE A 298 -23.22 1.94 -5.69
C ILE A 298 -22.74 2.65 -4.39
N PRO A 299 -23.69 3.03 -3.48
CA PRO A 299 -23.31 3.76 -2.27
C PRO A 299 -22.08 3.17 -1.54
N CYS A 300 -21.14 4.06 -1.19
CA CYS A 300 -19.89 3.66 -0.56
C CYS A 300 -19.75 4.20 0.87
N PRO A 301 -19.79 3.31 1.90
CA PRO A 301 -19.58 3.79 3.27
C PRO A 301 -18.13 4.18 3.50
N ARG A 302 -17.92 5.13 4.41
CA ARG A 302 -16.57 5.67 4.73
C ARG A 302 -15.64 4.54 5.16
N HIS A 303 -16.16 3.59 5.94
CA HIS A 303 -15.41 2.41 6.35
C HIS A 303 -16.07 1.18 5.78
N ARG A 304 -15.33 0.43 4.96
CA ARG A 304 -15.81 -0.80 4.34
C ARG A 304 -15.16 -2.03 4.96
N ILE A 305 -14.60 -1.85 6.16
CA ILE A 305 -14.01 -2.93 6.95
C ILE A 305 -15.11 -3.88 7.43
N PRO A 306 -14.81 -5.19 7.54
CA PRO A 306 -15.81 -6.14 8.01
C PRO A 306 -16.36 -5.85 9.40
N ARG A 307 -17.56 -6.39 9.69
CA ARG A 307 -18.19 -6.30 11.04
C ARG A 307 -17.66 -7.38 11.97
N LEU A 308 -17.62 -7.13 13.27
CA LEU A 308 -17.27 -8.16 14.26
C LEU A 308 -18.50 -8.74 14.94
N ASN A 309 -18.75 -10.05 14.76
CA ASN A 309 -19.81 -10.74 15.50
C ASN A 309 -19.25 -10.91 16.93
N ILE A 310 -19.79 -10.15 17.88
CA ILE A 310 -19.29 -10.12 19.26
C ILE A 310 -19.47 -11.50 19.94
N LYS A 311 -20.52 -12.23 19.56
CA LYS A 311 -20.77 -13.60 20.03
C LYS A 311 -19.73 -14.63 19.50
N THR A 312 -19.36 -14.53 18.23
CA THR A 312 -18.38 -15.43 17.57
C THR A 312 -16.91 -15.05 17.87
N GLY A 313 -16.63 -13.77 17.91
CA GLY A 313 -15.27 -13.25 18.05
C GLY A 313 -14.56 -13.09 16.71
N LYS A 314 -15.10 -13.73 15.68
CA LYS A 314 -14.62 -13.70 14.30
C LYS A 314 -15.20 -12.52 13.50
N LEU A 315 -14.55 -12.18 12.38
CA LEU A 315 -15.03 -11.12 11.49
C LEU A 315 -16.06 -11.68 10.49
N GLU A 316 -17.10 -10.89 10.23
CA GLU A 316 -18.19 -11.14 9.29
C GLU A 316 -18.22 -10.03 8.23
N MET A 317 -18.70 -10.33 7.04
CA MET A 317 -18.87 -9.36 5.95
C MET A 317 -19.61 -8.09 6.35
N SER A 318 -19.22 -6.96 5.78
CA SER A 318 -19.90 -5.68 5.99
C SER A 318 -20.78 -5.42 4.76
N TYR A 319 -21.87 -4.67 4.96
CA TYR A 319 -22.87 -4.40 3.90
C TYR A 319 -23.15 -2.90 3.80
N SER A 320 -23.59 -2.46 2.62
CA SER A 320 -23.99 -1.09 2.32
C SER A 320 -25.47 -1.08 1.89
N LYS A 321 -26.37 -0.70 2.82
CA LYS A 321 -27.83 -0.66 2.56
C LYS A 321 -28.23 0.71 2.03
N PHE A 322 -29.19 0.71 1.10
CA PHE A 322 -29.65 1.93 0.40
C PHE A 322 -31.03 1.74 -0.20
N LYS A 323 -31.74 2.85 -0.47
CA LYS A 323 -33.05 2.79 -1.12
C LYS A 323 -32.83 2.53 -2.62
N THR A 324 -33.55 1.54 -3.15
CA THR A 324 -33.35 1.07 -4.51
C THR A 324 -33.83 2.10 -5.56
N LYS A 325 -34.81 2.94 -5.19
CA LYS A 325 -35.28 4.06 -6.05
C LYS A 325 -34.21 5.14 -6.26
N SER A 326 -33.41 5.39 -5.23
CA SER A 326 -32.29 6.33 -5.30
C SER A 326 -31.11 5.82 -6.15
N LEU A 327 -31.00 4.51 -6.33
CA LEU A 327 -29.92 3.92 -7.15
C LEU A 327 -30.07 4.24 -8.65
N SER A 328 -28.92 4.58 -9.29
CA SER A 328 -28.84 4.97 -10.71
C SER A 328 -29.05 3.78 -11.65
N PHE A 329 -29.33 4.09 -12.92
CA PHE A 329 -29.55 3.09 -13.98
C PHE A 329 -28.34 2.15 -14.20
N LEU A 330 -27.13 2.73 -14.17
CA LEU A 330 -25.87 2.00 -14.34
C LEU A 330 -25.58 1.13 -13.12
N GLY A 331 -25.90 1.65 -11.92
CA GLY A 331 -25.70 0.95 -10.66
C GLY A 331 -26.48 -0.34 -10.46
N THR A 332 -27.71 -0.37 -11.00
CA THR A 332 -28.58 -1.56 -10.95
C THR A 332 -28.05 -2.66 -11.85
N PHE A 333 -27.49 -2.26 -12.99
CA PHE A 333 -26.90 -3.19 -13.98
C PHE A 333 -25.64 -3.86 -13.42
N ILE A 334 -24.73 -3.06 -12.86
CA ILE A 334 -23.46 -3.54 -12.25
C ILE A 334 -23.75 -4.53 -11.11
N LEU A 335 -24.64 -4.14 -10.20
CA LEU A 335 -25.04 -4.95 -9.03
C LEU A 335 -25.68 -6.27 -9.42
N LYS A 336 -26.46 -6.29 -10.51
CA LYS A 336 -27.12 -7.51 -11.04
C LYS A 336 -26.11 -8.43 -11.71
N VAL A 337 -25.15 -7.83 -12.43
CA VAL A 337 -24.07 -8.56 -13.11
C VAL A 337 -23.11 -9.17 -12.08
N ALA A 338 -22.67 -8.38 -11.10
CA ALA A 338 -21.76 -8.82 -10.03
C ALA A 338 -22.37 -9.89 -9.11
N GLU A 339 -23.70 -9.86 -8.91
CA GLU A 339 -24.42 -10.87 -8.11
C GLU A 339 -24.47 -12.22 -8.84
N SER A 340 -24.78 -12.17 -10.14
CA SER A 340 -24.85 -13.37 -10.99
C SER A 340 -23.47 -13.99 -11.23
N LEU A 341 -22.41 -13.18 -11.18
CA LEU A 341 -21.03 -13.67 -11.29
C LEU A 341 -20.51 -14.29 -9.95
N GLN A 342 -21.36 -14.38 -8.92
CA GLN A 342 -21.08 -14.94 -7.58
C GLN A 342 -19.99 -14.12 -6.87
N LEU A 343 -20.15 -12.79 -6.89
CA LEU A 343 -19.17 -11.84 -6.28
C LEU A 343 -19.79 -10.99 -5.17
N VAL A 344 -21.02 -10.48 -5.39
CA VAL A 344 -21.73 -9.66 -4.40
C VAL A 344 -22.93 -10.40 -3.83
N THR A 345 -23.04 -10.43 -2.49
CA THR A 345 -24.18 -10.97 -1.76
C THR A 345 -25.19 -9.81 -1.48
N VAL A 346 -26.27 -9.78 -2.26
CA VAL A 346 -27.33 -8.75 -2.20
C VAL A 346 -28.50 -9.26 -1.33
N HIS A 347 -29.10 -8.36 -0.53
CA HIS A 347 -30.25 -8.70 0.33
C HIS A 347 -31.35 -7.63 0.23
N GLN A 348 -32.45 -7.93 -0.45
CA GLN A 348 -33.63 -7.04 -0.50
C GLN A 348 -34.47 -7.11 0.77
N SER A 349 -34.99 -5.96 1.18
CA SER A 349 -35.90 -5.82 2.33
C SER A 349 -36.95 -4.73 2.06
N GLU A 350 -38.01 -4.69 2.88
CA GLU A 350 -39.06 -3.66 2.73
C GLU A 350 -39.73 -3.32 4.07
N THR A 351 -39.31 -2.21 4.69
CA THR A 351 -39.86 -1.74 5.99
C THR A 351 -40.96 -0.66 5.74
N GLU A 352 -41.31 0.10 6.78
CA GLU A 352 -42.26 1.22 6.66
C GLU A 352 -41.67 2.43 5.89
N ASP A 353 -40.34 2.63 6.02
CA ASP A 353 -39.56 3.69 5.34
C ASP A 353 -39.46 3.49 3.82
N GLY A 354 -39.60 2.25 3.34
CA GLY A 354 -39.63 1.88 1.92
C GLY A 354 -38.91 0.57 1.62
N GLU A 355 -38.59 0.35 0.34
CA GLU A 355 -37.82 -0.84 -0.08
C GLU A 355 -36.31 -0.54 -0.14
N PHE A 356 -35.51 -1.39 0.51
CA PHE A 356 -34.06 -1.21 0.62
C PHE A 356 -33.29 -2.39 0.02
N THR A 357 -32.04 -2.14 -0.38
CA THR A 357 -31.13 -3.14 -0.94
C THR A 357 -29.82 -3.16 -0.12
N GLU A 358 -29.65 -4.22 0.68
CA GLU A 358 -28.49 -4.39 1.58
C GLU A 358 -27.41 -5.26 0.90
N CYS A 359 -26.63 -4.65 0.00
CA CYS A 359 -25.59 -5.36 -0.76
C CYS A 359 -24.24 -5.38 -0.03
N ASN A 360 -23.44 -6.42 -0.31
CA ASN A 360 -22.10 -6.69 0.26
C ASN A 360 -21.10 -5.59 -0.10
N ASN A 361 -20.27 -5.17 0.87
CA ASN A 361 -19.25 -4.13 0.64
C ASN A 361 -18.14 -4.69 -0.25
N MET A 362 -17.99 -4.08 -1.42
CA MET A 362 -17.08 -4.55 -2.46
C MET A 362 -15.60 -4.33 -2.16
N THR A 363 -14.98 -5.31 -1.48
CA THR A 363 -13.54 -5.33 -1.16
C THR A 363 -13.07 -6.80 -1.05
N LEU A 364 -11.77 -7.04 -1.25
CA LEU A 364 -11.17 -8.39 -1.21
C LEU A 364 -11.26 -9.04 0.19
N ILE A 365 -11.23 -8.23 1.25
CA ILE A 365 -11.38 -8.67 2.65
C ILE A 365 -12.77 -9.30 2.82
N ASN A 366 -13.79 -8.62 2.29
CA ASN A 366 -15.19 -9.10 2.34
C ASN A 366 -15.44 -10.27 1.39
N LEU A 367 -14.81 -10.27 0.21
CA LEU A 367 -14.95 -11.37 -0.74
C LEU A 367 -14.38 -12.67 -0.15
N LEU A 368 -13.30 -12.58 0.65
CA LEU A 368 -12.75 -13.74 1.34
C LEU A 368 -13.71 -14.23 2.42
N LEU A 369 -14.41 -13.29 3.07
CA LEU A 369 -15.43 -13.63 4.06
C LEU A 369 -16.73 -14.12 3.42
N LYS A 370 -16.92 -13.85 2.12
CA LYS A 370 -18.08 -14.34 1.37
C LYS A 370 -17.85 -15.80 1.03
N VAL A 371 -16.69 -16.08 0.44
CA VAL A 371 -16.26 -17.39 -0.01
C VAL A 371 -15.91 -18.33 1.16
N LEU A 372 -15.07 -17.89 2.09
CA LEU A 372 -14.64 -18.76 3.20
C LEU A 372 -15.45 -18.61 4.50
N GLY A 373 -16.48 -17.75 4.49
CA GLY A 373 -17.34 -17.52 5.66
C GLY A 373 -16.64 -16.67 6.69
N PRO A 374 -17.22 -16.54 7.89
CA PRO A 374 -16.55 -15.73 8.93
C PRO A 374 -15.16 -16.26 9.29
N ILE A 375 -14.20 -15.35 9.47
CA ILE A 375 -12.78 -15.67 9.76
C ILE A 375 -12.28 -14.73 10.89
N HIS A 376 -11.51 -15.26 11.85
CA HIS A 376 -10.91 -14.44 12.92
C HIS A 376 -9.92 -13.43 12.31
N GLU A 377 -9.81 -12.25 12.93
CA GLU A 377 -8.98 -11.17 12.37
C GLU A 377 -7.55 -11.59 12.10
N ARG A 378 -6.90 -12.26 13.07
CA ARG A 378 -5.49 -12.64 12.92
C ARG A 378 -5.29 -13.56 11.71
N ASN A 379 -6.16 -14.56 11.57
CA ASN A 379 -6.12 -15.47 10.42
C ASN A 379 -6.50 -14.79 9.10
N LEU A 380 -7.43 -13.82 9.15
CA LEU A 380 -7.84 -13.08 7.94
C LEU A 380 -6.70 -12.30 7.28
N THR A 381 -5.90 -11.59 8.08
CA THR A 381 -4.73 -10.83 7.61
C THR A 381 -3.67 -11.78 7.02
N LEU A 382 -3.40 -12.83 7.80
CA LEU A 382 -2.45 -13.88 7.48
C LEU A 382 -2.86 -14.64 6.23
N LEU A 383 -4.17 -14.70 5.95
CA LEU A 383 -4.75 -15.32 4.74
C LEU A 383 -4.52 -14.47 3.50
N LEU A 384 -4.70 -13.16 3.65
CA LEU A 384 -4.46 -12.19 2.59
C LEU A 384 -2.96 -12.07 2.32
N LEU A 385 -2.15 -12.24 3.37
CA LEU A 385 -0.69 -12.21 3.26
C LEU A 385 -0.15 -13.42 2.50
N LEU A 386 -0.82 -14.54 2.71
CA LEU A 386 -0.52 -15.80 2.03
C LEU A 386 -0.89 -15.70 0.56
N LEU A 387 -2.05 -15.10 0.33
CA LEU A 387 -2.60 -14.76 -1.00
C LEU A 387 -1.67 -13.82 -1.76
N GLN A 388 -1.02 -12.92 -1.03
CA GLN A 388 0.04 -12.02 -1.53
C GLN A 388 1.30 -12.79 -1.90
N ILE A 389 1.70 -13.73 -1.05
CA ILE A 389 2.85 -14.61 -1.33
C ILE A 389 2.56 -15.44 -2.59
N LEU A 390 1.35 -16.00 -2.67
CA LEU A 390 0.89 -16.78 -3.82
C LEU A 390 1.04 -16.05 -5.17
N GLY A 391 0.60 -14.80 -5.20
CA GLY A 391 0.70 -13.93 -6.37
C GLY A 391 2.12 -13.63 -6.80
N SER A 392 2.99 -13.32 -5.82
CA SER A 392 4.43 -13.11 -6.05
C SER A 392 5.09 -14.36 -6.65
N ALA A 393 4.75 -15.53 -6.09
CA ALA A 393 5.17 -16.84 -6.61
C ALA A 393 4.65 -17.10 -8.03
N ILE A 394 3.40 -16.70 -8.31
CA ILE A 394 2.84 -16.74 -9.68
C ILE A 394 3.66 -15.83 -10.63
N THR A 395 3.89 -14.57 -10.25
CA THR A 395 4.76 -13.67 -11.03
C THR A 395 6.16 -14.25 -11.29
N PHE A 396 6.82 -14.79 -10.25
CA PHE A 396 8.15 -15.43 -10.39
C PHE A 396 8.05 -16.64 -11.33
N SER A 397 6.92 -17.36 -11.28
CA SER A 397 6.67 -18.49 -12.20
C SER A 397 6.46 -18.04 -13.65
N ILE A 398 5.73 -16.93 -13.85
CA ILE A 398 5.53 -16.26 -15.17
C ILE A 398 6.89 -15.93 -15.78
N ARG A 399 7.65 -15.11 -15.04
CA ARG A 399 8.94 -14.60 -15.44
C ARG A 399 10.13 -15.58 -15.63
N TYR A 400 10.17 -16.68 -14.89
CA TYR A 400 11.31 -17.65 -14.98
C TYR A 400 10.89 -19.06 -15.41
N GLN A 401 9.68 -19.18 -15.94
CA GLN A 401 9.18 -20.42 -16.54
C GLN A 401 8.91 -21.59 -15.55
#